data_5XMX
#
_entry.id   5XMX
#
_cell.length_a   39.840
_cell.length_b   76.390
_cell.length_c   96.730
_cell.angle_alpha   90.00
_cell.angle_beta   97.74
_cell.angle_gamma   90.00
#
_symmetry.space_group_name_H-M   'P 1 21 1'
#
loop_
_entity.id
_entity.type
_entity.pdbx_description
1 polymer 'Peroxisome proliferator-activated receptor delta'
2 non-polymer '(E)-6-[2-[[[4-(furan-2-yl)phenyl]carbonyl-methyl-amino]methyl]phenoxy]-4-methyl-hex-4-enoic acid'
3 water water
#
_entity_poly.entity_id   1
_entity_poly.type   'polypeptide(L)'
_entity_poly.pdbx_seq_one_letter_code
;GSHMQVADLKAFSKHIYNAYLKNFNMTKKKARSILTGKASHTAPFVIHDIETLWQAEKGLVWKQLVNGLPPYKEISVHVF
YRCQCTTVETVRELTEFAKSIPSFSSLFLNDQVTLLKYGVHEAIFAMLASIVNKDGLLVANGSGFVTREFLRSLRKPFSD
IIEPKFEFAVKFNALELDDSDLALFIAAIILCGDRPGLMNVPRVEAIQDTILRALEFHLQANHPDAQYLFPKLLQKMADL
RQLVTEHAQMMQRIKKTETETSLHPLLQEIYKDMY
;
_entity_poly.pdbx_strand_id   A,B
#
loop_
_chem_comp.id
_chem_comp.type
_chem_comp.name
_chem_comp.formula
89L non-polymer '(E)-6-[2-[[[4-(furan-2-yl)phenyl]carbonyl-methyl-amino]methyl]phenoxy]-4-methyl-hex-4-enoic acid' 'C26 H27 N O5'
#
# COMPACT_ATOMS: atom_id res chain seq x y z
N VAL A 6 0.41 16.99 -1.27
CA VAL A 6 1.50 17.48 -0.42
C VAL A 6 1.27 16.94 1.01
N ALA A 7 0.04 17.09 1.54
CA ALA A 7 -0.32 16.56 2.84
C ALA A 7 -0.27 15.00 3.01
N ASP A 8 -0.61 14.24 1.95
CA ASP A 8 -0.35 12.77 2.00
C ASP A 8 1.20 12.50 2.08
N LEU A 9 1.98 13.29 1.36
CA LEU A 9 3.46 13.07 1.34
C LEU A 9 4.08 13.28 2.72
N LYS A 10 3.69 14.33 3.44
CA LYS A 10 4.06 14.50 4.81
C LYS A 10 3.76 13.30 5.73
N ALA A 11 2.54 12.79 5.67
CA ALA A 11 2.19 11.68 6.52
C ALA A 11 2.84 10.36 6.06
N PHE A 12 3.06 10.24 4.76
CA PHE A 12 3.83 9.07 4.26
C PHE A 12 5.26 9.18 4.81
N SER A 13 5.89 10.36 4.70
CA SER A 13 7.24 10.54 5.34
C SER A 13 7.30 10.17 6.81
N LYS A 14 6.29 10.62 7.56
CA LYS A 14 6.17 10.33 8.96
C LYS A 14 6.06 8.82 9.22
N HIS A 15 5.19 8.11 8.51
CA HIS A 15 5.11 6.65 8.55
C HIS A 15 6.50 5.97 8.32
N ILE A 16 7.16 6.41 7.27
CA ILE A 16 8.54 5.91 6.97
C ILE A 16 9.56 6.20 8.09
N TYR A 17 9.54 7.41 8.67
CA TYR A 17 10.46 7.77 9.75
C TYR A 17 10.15 6.93 11.02
N ASN A 18 8.86 6.77 11.37
CA ASN A 18 8.46 5.81 12.44
C ASN A 18 8.91 4.37 12.20
N ALA A 19 8.81 3.84 10.94
CA ALA A 19 9.37 2.49 10.67
C ALA A 19 10.87 2.35 10.94
N TYR A 20 11.58 3.44 10.67
CA TYR A 20 13.01 3.57 10.81
C TYR A 20 13.39 3.60 12.29
N LEU A 21 12.74 4.49 13.05
CA LEU A 21 12.99 4.58 14.49
C LEU A 21 12.67 3.26 15.23
N LYS A 22 11.67 2.51 14.78
CA LYS A 22 11.31 1.21 15.41
C LYS A 22 12.25 0.05 15.04
N ASN A 23 12.91 0.14 13.87
CA ASN A 23 13.64 -0.96 13.35
C ASN A 23 15.18 -0.92 13.43
N PHE A 24 15.79 0.26 13.52
CA PHE A 24 17.25 0.22 13.54
C PHE A 24 17.74 0.36 14.95
N ASN A 25 18.66 -0.48 15.36
CA ASN A 25 19.22 -0.37 16.70
C ASN A 25 19.99 0.92 16.81
N MET A 26 20.64 1.33 15.74
CA MET A 26 21.51 2.52 15.87
C MET A 26 21.00 3.62 14.95
N THR A 27 20.65 4.74 15.48
CA THR A 27 20.31 5.90 14.63
C THR A 27 21.56 6.78 14.42
N LYS A 28 21.54 7.69 13.43
CA LYS A 28 22.56 8.69 13.27
C LYS A 28 22.55 9.57 14.56
N LYS A 29 21.37 9.99 15.02
CA LYS A 29 21.38 10.80 16.24
C LYS A 29 22.12 10.15 17.43
N LYS A 30 21.86 8.88 17.74
CA LYS A 30 22.60 8.18 18.82
C LYS A 30 24.15 8.05 18.48
N ALA A 31 24.47 7.69 17.23
CA ALA A 31 25.85 7.49 16.81
C ALA A 31 26.63 8.81 16.98
N ARG A 32 26.08 9.96 16.51
CA ARG A 32 26.82 11.23 16.60
C ARG A 32 27.02 11.66 18.07
N SER A 33 26.09 11.31 18.94
CA SER A 33 26.28 11.64 20.35
C SER A 33 27.37 10.74 20.98
N ILE A 34 27.43 9.45 20.60
CA ILE A 34 28.62 8.64 20.96
C ILE A 34 29.97 9.16 20.39
N LEU A 35 29.99 9.51 19.10
CA LEU A 35 31.19 9.83 18.41
C LEU A 35 31.81 11.14 18.95
N THR A 36 30.95 12.06 19.38
CA THR A 36 31.36 13.36 19.95
C THR A 36 31.38 13.33 21.49
N GLY A 37 31.17 12.16 22.09
CA GLY A 37 31.01 12.05 23.54
C GLY A 37 29.66 12.61 23.99
N ALA A 43 32.46 5.44 27.39
CA ALA A 43 33.42 5.76 26.31
C ALA A 43 33.68 4.49 25.47
N PRO A 44 33.55 4.61 24.12
CA PRO A 44 33.82 3.43 23.31
C PRO A 44 35.26 3.04 23.51
N PHE A 45 35.50 1.74 23.50
CA PHE A 45 36.85 1.19 23.57
C PHE A 45 37.51 1.22 22.17
N VAL A 46 38.70 1.80 22.06
CA VAL A 46 39.40 1.99 20.76
C VAL A 46 40.16 0.73 20.32
N ILE A 47 39.70 0.10 19.21
CA ILE A 47 40.39 -1.01 18.59
C ILE A 47 41.28 -0.35 17.53
N HIS A 48 42.58 -0.40 17.78
CA HIS A 48 43.50 0.22 16.81
C HIS A 48 44.65 -0.68 16.46
N ASP A 49 44.66 -1.90 17.01
CA ASP A 49 45.75 -2.83 16.72
C ASP A 49 45.42 -4.25 17.17
N ILE A 50 46.34 -5.20 16.99
CA ILE A 50 46.06 -6.59 17.31
C ILE A 50 45.69 -6.79 18.78
N GLU A 51 46.50 -6.17 19.65
CA GLU A 51 46.33 -6.25 21.08
C GLU A 51 44.92 -5.74 21.55
N THR A 52 44.54 -4.56 21.13
CA THR A 52 43.22 -4.00 21.46
C THR A 52 42.05 -4.82 20.88
N LEU A 53 42.22 -5.34 19.67
CA LEU A 53 41.23 -6.23 19.12
C LEU A 53 41.02 -7.48 20.00
N TRP A 54 42.13 -8.04 20.48
CA TRP A 54 42.02 -9.22 21.34
C TRP A 54 41.36 -8.81 22.67
N GLN A 55 41.70 -7.64 23.22
CA GLN A 55 41.05 -7.19 24.47
C GLN A 55 39.53 -7.09 24.26
N ALA A 56 39.16 -6.57 23.09
CA ALA A 56 37.81 -6.28 22.74
C ALA A 56 37.01 -7.57 22.64
N GLU A 57 37.60 -8.61 22.04
CA GLU A 57 36.97 -9.91 21.96
C GLU A 57 36.87 -10.61 23.33
N LYS A 58 37.76 -10.31 24.27
CA LYS A 58 37.71 -10.94 25.62
C LYS A 58 36.44 -10.52 26.39
N GLY A 59 36.31 -9.23 26.67
CA GLY A 59 34.99 -8.69 26.92
C GLY A 59 34.54 -7.25 26.85
N LEU A 60 35.44 -6.31 26.62
CA LEU A 60 35.23 -4.85 26.69
C LEU A 60 34.40 -4.44 25.45
N VAL A 61 34.18 -5.35 24.50
CA VAL A 61 33.33 -5.05 23.36
C VAL A 61 32.40 -6.19 22.99
N TRP A 62 32.92 -7.40 22.83
CA TRP A 62 32.07 -8.58 22.56
C TRP A 62 32.47 -9.71 23.51
N GLY A 68 30.59 -16.11 18.30
CA GLY A 68 30.87 -17.32 17.54
C GLY A 68 31.06 -17.02 16.06
N LEU A 69 32.33 -16.92 15.64
CA LEU A 69 32.71 -16.60 14.26
C LEU A 69 33.59 -17.72 13.68
N PRO A 70 33.32 -18.19 12.44
CA PRO A 70 34.00 -19.39 11.91
C PRO A 70 35.43 -19.50 12.48
N PRO A 71 35.79 -20.67 13.07
CA PRO A 71 37.00 -20.92 13.88
C PRO A 71 38.18 -20.02 13.56
N TYR A 72 38.91 -19.58 14.58
CA TYR A 72 39.99 -18.59 14.40
C TYR A 72 41.03 -18.91 13.30
N LYS A 73 41.59 -17.86 12.68
CA LYS A 73 42.70 -17.96 11.73
C LYS A 73 43.77 -16.84 11.72
N GLU A 74 43.50 -15.62 11.23
CA GLU A 74 44.53 -14.53 11.17
C GLU A 74 43.75 -13.20 11.18
N ILE A 75 44.35 -12.09 11.67
CA ILE A 75 43.58 -10.85 11.92
C ILE A 75 42.74 -10.32 10.75
N SER A 76 43.29 -10.34 9.54
CA SER A 76 42.59 -9.72 8.43
C SER A 76 41.29 -10.52 8.16
N VAL A 77 41.37 -11.85 8.28
CA VAL A 77 40.24 -12.72 8.11
C VAL A 77 39.21 -12.64 9.27
N HIS A 78 39.71 -12.63 10.52
CA HIS A 78 38.84 -12.32 11.69
C HIS A 78 38.02 -11.02 11.52
N VAL A 79 38.67 -9.97 11.04
CA VAL A 79 37.98 -8.69 10.78
C VAL A 79 36.90 -8.82 9.69
N PHE A 80 37.24 -9.47 8.59
CA PHE A 80 36.29 -9.71 7.49
C PHE A 80 35.09 -10.43 8.13
N TYR A 81 35.35 -11.38 9.02
CA TYR A 81 34.23 -12.12 9.66
C TYR A 81 33.34 -11.25 10.52
N ARG A 82 33.94 -10.38 11.34
CA ARG A 82 33.11 -9.41 12.05
C ARG A 82 32.29 -8.45 11.11
N CYS A 83 32.87 -8.03 9.98
CA CYS A 83 32.12 -7.27 8.97
C CYS A 83 30.92 -8.06 8.49
N GLN A 84 31.13 -9.35 8.26
CA GLN A 84 30.03 -10.18 7.81
C GLN A 84 28.93 -10.30 8.87
N CYS A 85 29.29 -10.47 10.13
CA CYS A 85 28.29 -10.64 11.20
C CYS A 85 27.43 -9.36 11.29
N THR A 86 28.11 -8.24 11.03
CA THR A 86 27.40 -6.95 11.15
C THR A 86 26.50 -6.70 10.03
N THR A 87 27.00 -6.97 8.81
CA THR A 87 26.23 -6.81 7.64
C THR A 87 24.98 -7.69 7.69
N VAL A 88 25.12 -8.93 8.16
CA VAL A 88 24.00 -9.82 8.27
C VAL A 88 22.90 -9.26 9.17
N GLU A 89 23.29 -8.72 10.36
CA GLU A 89 22.37 -8.16 11.29
C GLU A 89 21.67 -6.98 10.62
N THR A 90 22.39 -6.17 9.81
CA THR A 90 21.76 -4.98 9.18
C THR A 90 20.78 -5.40 8.07
N VAL A 91 21.06 -6.50 7.39
CA VAL A 91 20.05 -7.07 6.44
C VAL A 91 18.76 -7.42 7.14
N ARG A 92 18.86 -8.10 8.30
CA ARG A 92 17.71 -8.44 9.01
C ARG A 92 16.93 -7.18 9.53
N GLU A 93 17.62 -6.11 9.98
CA GLU A 93 16.91 -4.85 10.31
C GLU A 93 16.27 -4.22 9.11
N LEU A 94 17.00 -4.16 7.99
CA LEU A 94 16.43 -3.65 6.73
C LEU A 94 15.19 -4.40 6.26
N THR A 95 15.23 -5.72 6.37
CA THR A 95 14.09 -6.53 5.98
C THR A 95 12.89 -6.12 6.86
N GLU A 96 13.09 -5.99 8.15
CA GLU A 96 11.97 -5.55 9.06
C GLU A 96 11.52 -4.13 8.76
N PHE A 97 12.48 -3.23 8.57
CA PHE A 97 12.12 -1.87 8.15
C PHE A 97 11.24 -1.92 6.85
N ALA A 98 11.70 -2.61 5.81
CA ALA A 98 10.92 -2.66 4.53
C ALA A 98 9.49 -3.17 4.77
N LYS A 99 9.35 -4.10 5.69
CA LYS A 99 7.98 -4.62 5.92
C LYS A 99 7.06 -3.59 6.49
N SER A 100 7.61 -2.53 7.11
CA SER A 100 6.78 -1.42 7.55
C SER A 100 6.70 -0.27 6.60
N ILE A 101 7.32 -0.36 5.41
CA ILE A 101 7.19 0.66 4.34
C ILE A 101 5.82 0.46 3.63
N PRO A 102 4.92 1.43 3.65
CA PRO A 102 3.52 1.15 3.33
C PRO A 102 3.16 -0.05 2.48
N SER A 103 3.25 0.15 1.22
CA SER A 103 2.97 -0.95 0.28
C SER A 103 4.00 -2.04 -0.08
N PHE A 104 5.10 -2.07 0.67
CA PHE A 104 6.18 -3.04 0.38
C PHE A 104 5.61 -4.45 0.68
N SER A 105 4.88 -4.62 1.78
CA SER A 105 4.48 -5.97 2.17
C SER A 105 3.31 -6.52 1.30
N SER A 106 2.71 -5.68 0.48
CA SER A 106 1.67 -6.17 -0.46
C SER A 106 2.19 -6.44 -1.90
N LEU A 107 3.50 -6.42 -2.06
CA LEU A 107 4.12 -6.73 -3.35
C LEU A 107 4.15 -8.24 -3.39
N PHE A 108 4.24 -8.83 -4.57
CA PHE A 108 4.60 -10.26 -4.65
C PHE A 108 5.76 -10.60 -3.73
N LEU A 109 5.69 -11.76 -3.08
CA LEU A 109 6.77 -12.21 -2.24
C LEU A 109 8.13 -12.22 -3.00
N ASN A 110 8.14 -12.68 -4.25
CA ASN A 110 9.39 -12.73 -4.97
C ASN A 110 9.92 -11.31 -5.24
N ASP A 111 9.04 -10.35 -5.45
CA ASP A 111 9.48 -8.98 -5.62
C ASP A 111 10.11 -8.43 -4.36
N GLN A 112 9.49 -8.74 -3.22
CA GLN A 112 10.09 -8.35 -1.91
C GLN A 112 11.52 -8.89 -1.76
N VAL A 113 11.70 -10.16 -2.06
CA VAL A 113 12.98 -10.79 -1.87
C VAL A 113 13.96 -10.21 -2.89
N THR A 114 13.46 -9.96 -4.11
CA THR A 114 14.34 -9.39 -5.14
C THR A 114 14.80 -7.94 -4.69
N LEU A 115 13.85 -7.11 -4.27
CA LEU A 115 14.22 -5.74 -3.80
C LEU A 115 15.25 -5.79 -2.65
N LEU A 116 15.01 -6.65 -1.65
CA LEU A 116 15.96 -6.85 -0.57
C LEU A 116 17.35 -7.37 -1.08
N LYS A 117 17.33 -8.28 -2.03
CA LYS A 117 18.57 -8.96 -2.44
C LYS A 117 19.47 -7.91 -3.11
N TYR A 118 18.88 -7.11 -3.96
CA TYR A 118 19.70 -6.16 -4.72
C TYR A 118 19.90 -4.76 -4.11
N GLY A 119 19.13 -4.44 -3.08
CA GLY A 119 19.12 -3.09 -2.43
C GLY A 119 19.80 -3.07 -1.06
N VAL A 120 19.92 -4.21 -0.35
CA VAL A 120 20.43 -4.13 1.08
C VAL A 120 21.84 -3.56 1.17
N HIS A 121 22.71 -3.90 0.21
CA HIS A 121 24.05 -3.41 0.29
C HIS A 121 24.18 -1.92 0.07
N GLU A 122 23.38 -1.42 -0.85
CA GLU A 122 23.31 -0.03 -1.10
C GLU A 122 22.84 0.68 0.14
N ALA A 123 21.78 0.14 0.74
CA ALA A 123 21.31 0.70 2.00
C ALA A 123 22.38 0.60 3.14
N ILE A 124 23.06 -0.54 3.27
CA ILE A 124 24.05 -0.72 4.37
C ILE A 124 25.16 0.32 4.19
N PHE A 125 25.61 0.53 2.95
CA PHE A 125 26.75 1.49 2.82
C PHE A 125 26.30 2.98 2.91
N ALA A 126 25.03 3.26 2.61
CA ALA A 126 24.44 4.55 2.97
C ALA A 126 24.38 4.82 4.50
N MET A 127 23.91 3.85 5.26
CA MET A 127 23.69 3.98 6.70
C MET A 127 25.01 3.89 7.50
N LEU A 128 26.00 3.23 6.94
CA LEU A 128 27.37 3.16 7.56
C LEU A 128 27.89 4.60 7.80
N ALA A 129 27.65 5.53 6.90
CA ALA A 129 28.10 6.91 7.13
C ALA A 129 27.67 7.36 8.49
N SER A 130 26.43 7.02 8.89
CA SER A 130 25.94 7.52 10.20
C SER A 130 26.90 7.18 11.37
N ILE A 131 27.61 6.04 11.31
CA ILE A 131 28.40 5.58 12.44
C ILE A 131 29.93 5.78 12.27
N VAL A 132 30.26 6.50 11.22
CA VAL A 132 31.65 6.69 10.74
C VAL A 132 32.06 8.18 10.87
N ASN A 133 33.33 8.45 11.21
CA ASN A 133 33.89 9.76 10.92
C ASN A 133 35.24 9.54 10.18
N LYS A 134 36.01 10.59 9.87
CA LYS A 134 37.27 10.34 9.12
C LYS A 134 38.28 9.42 9.86
N ASP A 135 38.12 9.24 11.16
CA ASP A 135 39.04 8.46 11.96
C ASP A 135 38.70 6.99 12.20
N GLY A 136 37.46 6.59 11.87
CA GLY A 136 37.09 5.22 12.04
C GLY A 136 35.56 5.06 12.25
N LEU A 137 35.12 3.97 12.88
CA LEU A 137 33.69 3.80 13.02
C LEU A 137 33.35 3.08 14.31
N LEU A 138 32.13 3.33 14.78
CA LEU A 138 31.53 2.52 15.91
C LEU A 138 31.19 1.09 15.55
N VAL A 139 31.49 0.20 16.47
CA VAL A 139 31.05 -1.22 16.41
C VAL A 139 30.34 -1.62 17.69
N ALA A 140 29.63 -2.74 17.61
CA ALA A 140 29.04 -3.35 18.81
C ALA A 140 28.13 -2.39 19.46
N ASN A 141 27.17 -1.93 18.70
CA ASN A 141 26.21 -0.95 19.19
C ASN A 141 26.82 0.25 19.96
N GLY A 142 27.96 0.74 19.45
CA GLY A 142 28.57 1.92 19.97
C GLY A 142 29.50 1.70 21.17
N SER A 143 29.74 0.47 21.60
CA SER A 143 30.67 0.29 22.71
C SER A 143 32.18 0.09 22.26
N GLY A 144 32.42 0.08 20.93
CA GLY A 144 33.77 -0.01 20.37
C GLY A 144 33.93 1.00 19.27
N PHE A 145 35.18 1.33 18.94
CA PHE A 145 35.43 2.27 17.83
C PHE A 145 36.66 1.72 17.13
N VAL A 146 36.59 1.40 15.83
CA VAL A 146 37.70 0.73 15.16
C VAL A 146 38.30 1.82 14.30
N THR A 147 39.62 2.06 14.35
CA THR A 147 40.11 3.16 13.64
C THR A 147 40.29 2.80 12.17
N ARG A 148 40.11 3.77 11.34
CA ARG A 148 40.29 3.59 9.90
C ARG A 148 41.75 3.22 9.61
N GLU A 149 42.69 3.73 10.43
CA GLU A 149 44.12 3.41 10.22
C GLU A 149 44.35 1.96 10.48
N PHE A 150 43.81 1.40 11.56
CA PHE A 150 43.93 -0.05 11.75
C PHE A 150 43.32 -0.87 10.59
N LEU A 151 42.20 -0.44 10.06
CA LEU A 151 41.56 -1.26 8.94
C LEU A 151 42.39 -1.12 7.67
N ARG A 152 43.06 0.00 7.52
CA ARG A 152 43.99 0.15 6.35
C ARG A 152 45.21 -0.71 6.47
N SER A 153 45.57 -1.08 7.71
CA SER A 153 46.72 -1.92 8.02
C SER A 153 46.49 -3.38 7.66
N LEU A 154 45.23 -3.77 7.40
CA LEU A 154 45.00 -5.18 7.08
C LEU A 154 45.56 -5.54 5.73
N ARG A 155 45.69 -6.83 5.48
CA ARG A 155 46.33 -7.17 4.24
C ARG A 155 45.30 -7.08 3.09
N LYS A 156 45.80 -6.82 1.90
CA LYS A 156 44.95 -7.01 0.74
C LYS A 156 44.43 -8.44 0.81
N PRO A 157 43.20 -8.66 0.30
CA PRO A 157 42.29 -7.68 -0.32
C PRO A 157 41.31 -7.06 0.71
N PHE A 158 41.54 -7.33 1.99
CA PHE A 158 40.61 -6.89 3.02
C PHE A 158 40.66 -5.40 3.17
N SER A 159 41.86 -4.82 3.19
CA SER A 159 41.95 -3.37 3.36
C SER A 159 41.31 -2.61 2.21
N ASP A 160 41.49 -3.07 0.98
CA ASP A 160 40.94 -2.38 -0.20
C ASP A 160 39.44 -2.49 -0.30
N ILE A 161 38.81 -3.53 0.27
CA ILE A 161 37.32 -3.61 0.20
C ILE A 161 36.70 -2.67 1.26
N ILE A 162 37.49 -2.28 2.23
CA ILE A 162 37.03 -1.39 3.28
C ILE A 162 37.12 0.10 2.98
N GLU A 163 38.29 0.54 2.50
CA GLU A 163 38.58 1.98 2.46
C GLU A 163 37.61 2.78 1.52
N PRO A 164 37.20 2.24 0.35
CA PRO A 164 36.24 3.03 -0.51
C PRO A 164 34.91 3.39 0.26
N LYS A 165 34.48 2.58 1.24
CA LYS A 165 33.24 2.94 2.00
C LYS A 165 33.50 4.15 2.88
N PHE A 166 34.71 4.26 3.47
CA PHE A 166 35.02 5.46 4.26
C PHE A 166 35.04 6.63 3.34
N GLU A 167 35.57 6.44 2.12
CA GLU A 167 35.71 7.56 1.23
C GLU A 167 34.30 8.01 0.85
N PHE A 168 33.41 7.06 0.56
CA PHE A 168 32.00 7.43 0.27
C PHE A 168 31.33 8.17 1.49
N ALA A 169 31.43 7.57 2.69
CA ALA A 169 30.77 8.02 3.90
C ALA A 169 31.14 9.42 4.27
N VAL A 170 32.45 9.73 4.24
CA VAL A 170 32.88 11.07 4.64
C VAL A 170 32.27 12.17 3.74
N LYS A 171 32.23 11.90 2.44
CA LYS A 171 31.54 12.79 1.50
C LYS A 171 30.04 12.86 1.73
N PHE A 172 29.44 11.70 2.00
CA PHE A 172 28.02 11.65 2.32
C PHE A 172 27.70 12.48 3.56
N ASN A 173 28.54 12.38 4.58
CA ASN A 173 28.34 13.13 5.83
C ASN A 173 28.39 14.63 5.68
N ALA A 174 29.09 15.10 4.66
CA ALA A 174 29.18 16.55 4.42
C ALA A 174 27.80 17.06 4.05
N LEU A 175 26.90 16.18 3.51
CA LEU A 175 25.51 16.58 3.31
C LEU A 175 24.70 16.81 4.60
N GLU A 176 25.17 16.32 5.75
CA GLU A 176 24.49 16.56 7.07
C GLU A 176 23.02 16.16 7.02
N LEU A 177 22.72 15.00 6.41
CA LEU A 177 21.37 14.42 6.62
C LEU A 177 21.03 14.06 8.07
N ASP A 178 19.74 14.13 8.47
CA ASP A 178 19.40 13.58 9.75
C ASP A 178 18.62 12.29 9.58
N ASP A 179 18.16 11.71 10.67
CA ASP A 179 17.42 10.46 10.65
C ASP A 179 16.19 10.44 9.79
N SER A 180 15.41 11.51 9.91
CA SER A 180 14.18 11.71 9.13
C SER A 180 14.50 11.69 7.59
N ASP A 181 15.61 12.30 7.15
CA ASP A 181 15.96 12.33 5.76
C ASP A 181 16.41 10.92 5.35
N LEU A 182 17.29 10.31 6.16
CA LEU A 182 17.79 8.95 5.87
C LEU A 182 16.69 7.91 5.75
N ALA A 183 15.63 8.03 6.54
CA ALA A 183 14.55 6.99 6.46
C ALA A 183 13.98 7.01 5.07
N LEU A 184 13.74 8.19 4.51
CA LEU A 184 13.19 8.27 3.16
C LEU A 184 14.23 7.83 2.10
N PHE A 185 15.50 8.24 2.32
CA PHE A 185 16.55 7.90 1.36
C PHE A 185 16.75 6.36 1.31
N ILE A 186 16.77 5.72 2.48
CA ILE A 186 16.95 4.27 2.52
C ILE A 186 15.71 3.56 1.91
N ALA A 187 14.50 4.11 2.19
CA ALA A 187 13.24 3.60 1.56
C ALA A 187 13.37 3.65 0.00
N ALA A 188 13.91 4.76 -0.54
CA ALA A 188 14.08 4.96 -1.98
C ALA A 188 15.05 3.94 -2.60
N ILE A 189 16.15 3.63 -1.91
CA ILE A 189 17.11 2.62 -2.33
C ILE A 189 16.45 1.22 -2.44
N ILE A 190 15.67 0.89 -1.44
CA ILE A 190 15.07 -0.44 -1.40
C ILE A 190 13.94 -0.54 -2.46
N LEU A 191 13.07 0.46 -2.52
CA LEU A 191 11.97 0.40 -3.52
C LEU A 191 12.41 0.91 -4.90
N CYS A 192 13.20 0.10 -5.59
CA CYS A 192 13.97 0.53 -6.72
C CYS A 192 13.45 -0.28 -7.91
N GLY A 193 12.83 0.43 -8.84
CA GLY A 193 12.07 -0.19 -9.91
C GLY A 193 13.00 -0.85 -10.94
N ASP A 194 14.31 -0.59 -10.85
CA ASP A 194 15.29 -1.06 -11.82
C ASP A 194 15.91 -2.44 -11.57
N ARG A 195 15.66 -3.09 -10.42
CA ARG A 195 16.27 -4.38 -10.06
C ARG A 195 15.88 -5.46 -11.07
N PRO A 196 16.82 -6.35 -11.48
CA PRO A 196 16.50 -7.42 -12.46
C PRO A 196 15.55 -8.48 -11.92
N GLY A 197 14.60 -8.90 -12.76
CA GLY A 197 13.80 -10.06 -12.37
C GLY A 197 12.57 -9.64 -11.61
N LEU A 198 12.26 -8.32 -11.56
CA LEU A 198 11.02 -7.92 -10.89
C LEU A 198 9.78 -8.37 -11.66
N MET A 199 8.72 -8.81 -10.94
CA MET A 199 7.50 -9.23 -11.60
C MET A 199 6.63 -8.04 -11.96
N ASN A 200 6.36 -7.17 -10.99
CA ASN A 200 5.49 -6.02 -11.25
C ASN A 200 6.28 -4.71 -11.19
N VAL A 201 6.92 -4.39 -12.32
CA VAL A 201 7.77 -3.18 -12.42
C VAL A 201 6.99 -1.87 -12.21
N PRO A 202 5.85 -1.68 -12.91
CA PRO A 202 5.14 -0.40 -12.75
C PRO A 202 4.73 -0.11 -11.27
N ARG A 203 4.38 -1.17 -10.52
CA ARG A 203 4.00 -0.99 -9.14
C ARG A 203 5.22 -0.50 -8.29
N VAL A 204 6.35 -1.18 -8.47
CA VAL A 204 7.54 -0.78 -7.72
C VAL A 204 7.94 0.68 -8.10
N GLU A 205 7.96 0.94 -9.40
CA GLU A 205 8.30 2.28 -9.91
C GLU A 205 7.38 3.29 -9.29
N ALA A 206 6.09 2.97 -9.18
CA ALA A 206 5.15 3.95 -8.63
C ALA A 206 5.43 4.23 -7.13
N ILE A 207 5.72 3.18 -6.36
CA ILE A 207 6.05 3.37 -4.95
C ILE A 207 7.35 4.20 -4.88
N GLN A 208 8.36 3.86 -5.64
CA GLN A 208 9.60 4.62 -5.57
C GLN A 208 9.37 6.10 -5.92
N ASP A 209 8.55 6.38 -6.90
CA ASP A 209 8.25 7.80 -7.24
C ASP A 209 7.51 8.54 -6.10
N THR A 210 6.64 7.86 -5.39
CA THR A 210 6.03 8.45 -4.18
C THR A 210 7.03 8.80 -3.09
N ILE A 211 7.92 7.85 -2.76
CA ILE A 211 9.01 8.13 -1.82
C ILE A 211 9.84 9.31 -2.26
N LEU A 212 10.30 9.33 -3.50
CA LEU A 212 11.17 10.46 -3.99
C LEU A 212 10.38 11.76 -4.04
N ARG A 213 9.10 11.72 -4.36
CA ARG A 213 8.33 12.99 -4.19
C ARG A 213 8.28 13.43 -2.72
N ALA A 214 8.03 12.47 -1.82
CA ALA A 214 7.95 12.79 -0.40
C ALA A 214 9.33 13.29 0.06
N LEU A 215 10.40 12.66 -0.45
CA LEU A 215 11.75 13.09 -0.08
C LEU A 215 11.97 14.53 -0.53
N GLU A 216 11.62 14.87 -1.77
CA GLU A 216 11.86 16.29 -2.16
C GLU A 216 11.11 17.26 -1.26
N PHE A 217 9.85 16.95 -0.99
CA PHE A 217 9.05 17.81 -0.11
C PHE A 217 9.64 17.91 1.31
N HIS A 218 10.03 16.78 1.92
CA HIS A 218 10.65 16.76 3.24
C HIS A 218 11.98 17.57 3.32
N LEU A 219 12.83 17.51 2.27
CA LEU A 219 14.07 18.30 2.19
C LEU A 219 13.88 19.83 2.13
N GLN A 220 12.89 20.32 1.39
CA GLN A 220 12.57 21.78 1.38
C GLN A 220 12.17 22.16 2.83
N ALA A 221 11.34 21.33 3.47
CA ALA A 221 10.95 21.60 4.86
C ALA A 221 12.14 21.60 5.88
N ASN A 222 12.88 20.52 5.84
CA ASN A 222 13.85 20.18 6.88
C ASN A 222 15.16 20.89 6.58
N HIS A 223 15.43 21.11 5.30
CA HIS A 223 16.68 21.79 4.90
C HIS A 223 16.42 22.98 4.02
N PRO A 224 15.75 24.00 4.58
CA PRO A 224 15.21 25.12 3.81
C PRO A 224 16.33 25.92 3.03
N ASP A 225 17.51 26.04 3.62
CA ASP A 225 18.56 26.80 2.97
C ASP A 225 19.56 26.00 2.16
N ALA A 226 19.43 24.66 2.08
CA ALA A 226 20.43 23.89 1.32
C ALA A 226 20.15 24.14 -0.15
N GLN A 227 21.14 24.13 -1.01
CA GLN A 227 20.72 24.16 -2.41
C GLN A 227 21.12 22.92 -3.18
N TYR A 228 20.18 22.47 -3.98
CA TYR A 228 20.42 21.36 -4.87
C TYR A 228 20.50 20.07 -4.03
N LEU A 229 19.90 20.07 -2.84
CA LEU A 229 20.12 18.90 -1.98
C LEU A 229 19.45 17.67 -2.55
N PHE A 230 18.31 17.84 -3.23
CA PHE A 230 17.60 16.72 -3.74
C PHE A 230 18.34 16.09 -4.95
N PRO A 231 18.76 16.91 -5.94
CA PRO A 231 19.48 16.20 -6.98
C PRO A 231 20.88 15.64 -6.52
N LYS A 232 21.54 16.31 -5.57
CA LYS A 232 22.71 15.74 -4.87
C LYS A 232 22.41 14.32 -4.33
N LEU A 233 21.23 14.16 -3.77
CA LEU A 233 20.89 12.83 -3.23
C LEU A 233 20.60 11.80 -4.37
N LEU A 234 20.01 12.25 -5.50
CA LEU A 234 19.79 11.26 -6.56
C LEU A 234 21.17 10.79 -7.05
N GLN A 235 22.12 11.71 -7.04
CA GLN A 235 23.45 11.30 -7.48
C GLN A 235 24.16 10.31 -6.48
N LYS A 236 23.94 10.47 -5.17
CA LYS A 236 24.50 9.58 -4.19
C LYS A 236 23.90 8.22 -4.37
N MET A 237 22.64 8.17 -4.77
CA MET A 237 22.03 6.84 -5.07
C MET A 237 22.73 6.16 -6.23
N ALA A 238 22.97 6.91 -7.32
CA ALA A 238 23.86 6.40 -8.39
C ALA A 238 25.26 6.00 -7.96
N ASP A 239 25.88 6.79 -7.11
CA ASP A 239 27.23 6.49 -6.63
C ASP A 239 27.15 5.22 -5.83
N LEU A 240 26.06 5.06 -5.07
CA LEU A 240 26.00 3.85 -4.22
C LEU A 240 25.87 2.58 -5.10
N ARG A 241 25.18 2.68 -6.23
CA ARG A 241 25.10 1.54 -7.12
C ARG A 241 26.46 1.16 -7.58
N GLN A 242 27.25 2.18 -7.97
CA GLN A 242 28.63 1.92 -8.50
C GLN A 242 29.50 1.31 -7.34
N LEU A 243 29.29 1.85 -6.16
CA LEU A 243 30.06 1.38 -4.96
C LEU A 243 29.75 -0.10 -4.75
N VAL A 244 28.52 -0.53 -4.98
CA VAL A 244 28.13 -1.94 -4.63
C VAL A 244 28.60 -2.91 -5.76
N THR A 245 28.52 -2.46 -7.01
CA THR A 245 29.09 -3.16 -8.19
C THR A 245 30.55 -3.40 -7.92
N GLU A 246 31.27 -2.39 -7.45
CA GLU A 246 32.68 -2.59 -7.13
C GLU A 246 32.85 -3.54 -5.94
N HIS A 247 32.05 -3.37 -4.89
CA HIS A 247 32.08 -4.27 -3.76
C HIS A 247 31.85 -5.73 -4.16
N ALA A 248 30.84 -5.96 -4.99
CA ALA A 248 30.51 -7.33 -5.42
C ALA A 248 31.65 -7.90 -6.25
N GLN A 249 32.29 -7.09 -7.13
CA GLN A 249 33.56 -7.57 -7.78
C GLN A 249 34.69 -8.02 -6.78
N MET A 250 34.96 -7.18 -5.74
CA MET A 250 35.94 -7.53 -4.73
C MET A 250 35.53 -8.75 -3.97
N MET A 251 34.23 -8.95 -3.74
CA MET A 251 33.78 -10.10 -3.04
C MET A 251 33.99 -11.36 -3.92
N GLN A 252 33.73 -11.23 -5.21
CA GLN A 252 34.04 -12.33 -6.13
C GLN A 252 35.54 -12.72 -6.09
N ARG A 253 36.42 -11.73 -6.14
CA ARG A 253 37.86 -11.96 -5.98
C ARG A 253 38.26 -12.65 -4.66
N ILE A 254 37.68 -12.24 -3.53
CA ILE A 254 37.83 -12.96 -2.23
C ILE A 254 37.35 -14.41 -2.30
N LYS A 255 36.19 -14.63 -2.88
CA LYS A 255 35.70 -15.98 -2.97
C LYS A 255 36.61 -16.85 -3.87
N LYS A 256 37.11 -16.24 -4.92
CA LYS A 256 38.10 -16.85 -5.81
C LYS A 256 39.51 -17.15 -5.21
N THR A 257 40.11 -16.20 -4.47
CA THR A 257 41.55 -16.26 -4.11
C THR A 257 41.81 -16.58 -2.61
N GLU A 258 40.76 -16.51 -1.79
CA GLU A 258 40.85 -16.80 -0.34
C GLU A 258 40.00 -18.00 0.06
N THR A 259 40.49 -19.19 -0.24
CA THR A 259 39.68 -20.40 -0.14
C THR A 259 39.36 -20.83 1.28
N GLU A 260 40.21 -20.46 2.21
CA GLU A 260 40.01 -20.85 3.59
C GLU A 260 39.10 -19.87 4.36
N THR A 261 38.57 -18.86 3.67
CA THR A 261 37.62 -17.87 4.25
C THR A 261 36.18 -18.23 3.86
N SER A 262 35.27 -18.27 4.81
CA SER A 262 33.91 -18.62 4.43
C SER A 262 33.06 -17.33 4.42
N LEU A 263 31.87 -17.48 3.86
CA LEU A 263 30.83 -16.47 3.84
C LEU A 263 29.56 -17.01 4.45
N HIS A 264 28.93 -16.20 5.28
CA HIS A 264 27.67 -16.50 5.92
C HIS A 264 26.64 -16.90 4.87
N PRO A 265 25.78 -17.91 5.22
CA PRO A 265 24.84 -18.40 4.19
C PRO A 265 23.87 -17.28 3.69
N LEU A 266 23.46 -16.37 4.57
CA LEU A 266 22.51 -15.30 4.17
C LEU A 266 23.13 -14.40 3.09
N LEU A 267 24.43 -14.10 3.26
CA LEU A 267 25.23 -13.40 2.26
C LEU A 267 25.54 -14.23 1.01
N GLN A 268 25.74 -15.53 1.16
CA GLN A 268 25.82 -16.43 0.02
C GLN A 268 24.63 -16.27 -0.92
N GLU A 269 23.42 -16.36 -0.36
CA GLU A 269 22.17 -16.24 -1.11
C GLU A 269 22.16 -14.89 -1.82
N ILE A 270 22.36 -13.79 -1.06
CA ILE A 270 22.50 -12.47 -1.69
C ILE A 270 23.45 -12.41 -2.89
N TYR A 271 24.68 -12.92 -2.76
CA TYR A 271 25.64 -12.78 -3.88
C TYR A 271 25.44 -13.82 -5.01
N LYS A 272 24.59 -14.82 -4.76
CA LYS A 272 24.34 -15.87 -5.72
C LYS A 272 23.91 -15.30 -7.07
N LYS B 10 -20.71 -3.68 17.73
CA LYS B 10 -22.01 -3.48 18.50
C LYS B 10 -22.60 -2.06 18.71
N ALA B 11 -21.97 -1.26 19.56
CA ALA B 11 -22.08 0.21 19.36
C ALA B 11 -21.53 0.56 17.99
N PHE B 12 -20.42 -0.07 17.60
CA PHE B 12 -19.88 0.14 16.27
C PHE B 12 -20.95 -0.09 15.16
N SER B 13 -21.64 -1.23 15.24
CA SER B 13 -22.72 -1.60 14.35
C SER B 13 -23.80 -0.58 14.36
N LYS B 14 -24.10 0.02 15.52
CA LYS B 14 -25.19 0.97 15.67
C LYS B 14 -24.74 2.24 14.98
N HIS B 15 -23.47 2.59 15.16
CA HIS B 15 -22.99 3.81 14.57
C HIS B 15 -23.01 3.77 13.04
N ILE B 16 -22.58 2.63 12.48
CA ILE B 16 -22.59 2.45 11.02
C ILE B 16 -24.07 2.50 10.52
N TYR B 17 -24.98 1.80 11.20
CA TYR B 17 -26.42 1.93 10.88
C TYR B 17 -26.88 3.39 10.88
N ASN B 18 -26.58 4.14 11.95
CA ASN B 18 -26.93 5.57 12.10
C ASN B 18 -26.48 6.34 10.87
N ALA B 19 -25.22 6.12 10.48
CA ALA B 19 -24.65 6.84 9.36
C ALA B 19 -25.40 6.42 8.04
N TYR B 20 -25.75 5.15 7.92
CA TYR B 20 -26.41 4.70 6.69
C TYR B 20 -27.75 5.46 6.69
N LEU B 21 -28.48 5.46 7.82
CA LEU B 21 -29.78 6.18 7.82
C LEU B 21 -29.61 7.69 7.53
N LYS B 22 -28.50 8.26 7.95
CA LYS B 22 -28.30 9.65 7.67
C LYS B 22 -28.05 9.89 6.19
N ASN B 23 -27.41 8.93 5.48
CA ASN B 23 -26.91 9.21 4.13
C ASN B 23 -27.73 8.74 2.94
N PHE B 24 -28.61 7.80 3.15
CA PHE B 24 -29.36 7.20 2.04
C PHE B 24 -30.82 7.53 2.29
N ASN B 25 -31.40 8.32 1.40
CA ASN B 25 -32.83 8.67 1.61
C ASN B 25 -33.75 7.44 1.53
N MET B 26 -33.51 6.60 0.54
CA MET B 26 -34.30 5.41 0.33
C MET B 26 -33.70 4.20 1.04
N THR B 27 -34.42 3.65 2.02
CA THR B 27 -33.94 2.47 2.77
C THR B 27 -34.74 1.29 2.31
N LYS B 28 -34.25 0.06 2.57
CA LYS B 28 -34.98 -1.13 2.23
C LYS B 28 -36.37 -1.08 2.91
N LYS B 29 -36.37 -0.68 4.19
CA LYS B 29 -37.56 -0.43 4.97
C LYS B 29 -38.62 0.41 4.22
N LYS B 30 -38.26 1.63 3.81
CA LYS B 30 -39.11 2.50 3.00
C LYS B 30 -39.56 1.76 1.72
N ALA B 31 -38.59 1.13 1.02
CA ALA B 31 -38.84 0.45 -0.24
C ALA B 31 -39.77 -0.76 -0.11
N ARG B 32 -39.59 -1.52 0.97
CA ARG B 32 -40.46 -2.67 1.22
C ARG B 32 -41.93 -2.29 1.52
N SER B 33 -42.15 -1.21 2.26
CA SER B 33 -43.53 -0.78 2.50
C SER B 33 -44.20 -0.07 1.29
N ILE B 34 -43.40 0.36 0.30
CA ILE B 34 -43.97 0.79 -1.00
C ILE B 34 -44.30 -0.44 -1.86
N LEU B 35 -43.35 -1.34 -1.98
CA LEU B 35 -43.49 -2.54 -2.82
C LEU B 35 -44.57 -3.53 -2.33
N THR B 36 -45.27 -3.20 -1.26
CA THR B 36 -46.30 -4.11 -0.72
C THR B 36 -47.69 -3.46 -0.58
N ALA B 43 -49.63 3.92 -3.99
CA ALA B 43 -49.17 3.10 -5.10
C ALA B 43 -48.14 3.83 -6.00
N PRO B 44 -47.07 3.10 -6.37
CA PRO B 44 -46.20 3.58 -7.44
C PRO B 44 -46.82 3.43 -8.87
N PHE B 45 -46.58 4.42 -9.72
CA PHE B 45 -46.88 4.35 -11.18
C PHE B 45 -46.03 3.31 -11.94
N VAL B 46 -46.68 2.26 -12.48
CA VAL B 46 -46.01 1.23 -13.29
C VAL B 46 -45.54 1.79 -14.65
N ILE B 47 -44.24 1.64 -14.94
CA ILE B 47 -43.68 1.95 -16.25
C ILE B 47 -43.31 0.64 -16.89
N HIS B 48 -44.14 0.21 -17.84
CA HIS B 48 -43.94 -1.05 -18.53
C HIS B 48 -43.84 -0.86 -20.04
N ASP B 49 -43.99 0.36 -20.53
CA ASP B 49 -43.73 0.63 -21.97
C ASP B 49 -43.59 2.09 -22.36
N ILE B 50 -43.51 2.37 -23.67
CA ILE B 50 -43.21 3.74 -24.14
C ILE B 50 -44.14 4.82 -23.62
N GLU B 51 -45.43 4.50 -23.66
CA GLU B 51 -46.46 5.46 -23.35
C GLU B 51 -46.48 5.79 -21.85
N THR B 52 -46.35 4.75 -21.02
CA THR B 52 -46.16 4.97 -19.57
C THR B 52 -44.88 5.72 -19.25
N LEU B 53 -43.78 5.33 -19.89
CA LEU B 53 -42.54 6.07 -19.67
C LEU B 53 -42.76 7.54 -19.98
N TRP B 54 -43.41 7.83 -21.11
CA TRP B 54 -43.61 9.24 -21.50
C TRP B 54 -44.58 9.95 -20.54
N GLN B 55 -45.63 9.24 -20.10
CA GLN B 55 -46.53 9.84 -19.07
C GLN B 55 -45.73 10.23 -17.81
N ALA B 56 -44.79 9.37 -17.45
CA ALA B 56 -43.98 9.57 -16.28
C ALA B 56 -43.11 10.78 -16.37
N GLU B 57 -42.51 11.02 -17.52
CA GLU B 57 -41.58 12.16 -17.75
C GLU B 57 -42.28 13.55 -17.81
N LEU B 69 -31.05 16.35 -17.91
CA LEU B 69 -30.28 15.24 -18.47
C LEU B 69 -29.79 15.71 -19.84
N PRO B 70 -28.84 14.97 -20.45
CA PRO B 70 -28.47 15.16 -21.86
C PRO B 70 -29.72 15.14 -22.76
N PRO B 71 -29.67 15.85 -23.91
CA PRO B 71 -30.88 16.04 -24.73
C PRO B 71 -31.43 14.69 -25.19
N TYR B 72 -32.72 14.62 -25.51
CA TYR B 72 -33.34 13.34 -25.92
C TYR B 72 -32.64 12.74 -27.14
N LYS B 73 -32.39 11.44 -27.08
CA LYS B 73 -31.82 10.72 -28.22
C LYS B 73 -32.80 9.69 -28.74
N GLU B 74 -33.12 8.70 -27.91
CA GLU B 74 -34.07 7.67 -28.20
C GLU B 74 -34.45 7.06 -26.84
N ILE B 75 -35.55 6.32 -26.77
CA ILE B 75 -36.02 5.68 -25.52
C ILE B 75 -34.90 5.04 -24.66
N SER B 76 -34.13 4.15 -25.28
CA SER B 76 -33.13 3.31 -24.64
C SER B 76 -32.00 4.13 -23.97
N VAL B 77 -31.54 5.17 -24.69
CA VAL B 77 -30.45 6.05 -24.28
C VAL B 77 -30.99 6.93 -23.18
N HIS B 78 -32.26 7.32 -23.31
CA HIS B 78 -32.97 8.06 -22.29
C HIS B 78 -32.98 7.32 -20.94
N VAL B 79 -33.24 6.01 -20.95
CA VAL B 79 -33.27 5.18 -19.75
C VAL B 79 -31.82 5.07 -19.20
N PHE B 80 -30.90 4.82 -20.13
CA PHE B 80 -29.45 4.87 -19.77
C PHE B 80 -29.04 6.12 -19.02
N TYR B 81 -29.47 7.31 -19.50
CA TYR B 81 -29.25 8.58 -18.78
C TYR B 81 -29.90 8.64 -17.41
N ARG B 82 -31.10 8.11 -17.31
CA ARG B 82 -31.76 8.03 -16.04
C ARG B 82 -30.94 7.16 -15.06
N CYS B 83 -30.36 6.06 -15.55
CA CYS B 83 -29.54 5.20 -14.76
C CYS B 83 -28.35 5.97 -14.23
N GLN B 84 -27.58 6.61 -15.12
CA GLN B 84 -26.51 7.54 -14.77
C GLN B 84 -26.83 8.62 -13.73
N CYS B 85 -27.93 9.37 -13.86
CA CYS B 85 -28.30 10.36 -12.86
C CYS B 85 -28.47 9.70 -11.49
N THR B 86 -29.02 8.48 -11.48
CA THR B 86 -29.23 7.81 -10.21
C THR B 86 -27.89 7.31 -9.61
N THR B 87 -27.07 6.66 -10.41
CA THR B 87 -25.83 6.19 -9.87
C THR B 87 -24.92 7.34 -9.44
N VAL B 88 -24.92 8.48 -10.16
CA VAL B 88 -24.17 9.67 -9.72
C VAL B 88 -24.54 10.11 -8.29
N GLU B 89 -25.84 10.25 -8.04
CA GLU B 89 -26.37 10.67 -6.80
C GLU B 89 -25.94 9.69 -5.72
N THR B 90 -26.05 8.39 -5.99
CA THR B 90 -25.69 7.37 -5.01
C THR B 90 -24.17 7.41 -4.70
N VAL B 91 -23.30 7.67 -5.70
CA VAL B 91 -21.87 7.90 -5.41
C VAL B 91 -21.63 9.04 -4.41
N ARG B 92 -22.35 10.16 -4.60
CA ARG B 92 -22.31 11.29 -3.67
C ARG B 92 -22.65 10.86 -2.26
N GLU B 93 -23.76 10.10 -2.13
CA GLU B 93 -24.20 9.63 -0.84
C GLU B 93 -23.18 8.66 -0.22
N LEU B 94 -22.66 7.75 -1.03
CA LEU B 94 -21.67 6.78 -0.57
C LEU B 94 -20.36 7.44 -0.12
N THR B 95 -20.02 8.54 -0.78
CA THR B 95 -18.87 9.39 -0.47
C THR B 95 -19.01 10.00 0.95
N GLU B 96 -20.19 10.53 1.29
CA GLU B 96 -20.45 11.07 2.60
C GLU B 96 -20.57 10.02 3.63
N PHE B 97 -21.19 8.90 3.27
CA PHE B 97 -21.25 7.78 4.18
C PHE B 97 -19.91 7.30 4.68
N ALA B 98 -18.95 7.17 3.77
CA ALA B 98 -17.69 6.60 4.11
C ALA B 98 -16.93 7.49 5.15
N LYS B 99 -17.20 8.80 5.13
CA LYS B 99 -16.62 9.68 6.17
C LYS B 99 -16.98 9.21 7.57
N SER B 100 -18.11 8.52 7.75
CA SER B 100 -18.50 8.03 9.10
C SER B 100 -17.92 6.69 9.44
N ILE B 101 -17.38 6.00 8.48
CA ILE B 101 -16.76 4.70 8.83
C ILE B 101 -15.51 5.02 9.65
N PRO B 102 -15.40 4.50 10.89
CA PRO B 102 -14.31 4.98 11.74
C PRO B 102 -12.92 4.66 11.10
N SER B 103 -12.09 5.68 11.05
CA SER B 103 -10.70 5.66 10.58
C SER B 103 -10.54 5.70 9.08
N PHE B 104 -11.65 5.69 8.32
CA PHE B 104 -11.60 5.97 6.90
C PHE B 104 -11.01 7.34 6.61
N SER B 105 -11.48 8.35 7.33
CA SER B 105 -11.02 9.71 7.16
C SER B 105 -9.55 9.89 7.56
N SER B 106 -8.95 8.92 8.26
CA SER B 106 -7.51 9.00 8.59
C SER B 106 -6.56 8.28 7.58
N LEU B 107 -7.14 7.74 6.51
CA LEU B 107 -6.34 7.05 5.49
C LEU B 107 -5.77 8.15 4.65
N PHE B 108 -4.69 7.87 3.91
CA PHE B 108 -4.30 8.83 2.85
C PHE B 108 -5.50 9.28 2.02
N LEU B 109 -5.50 10.55 1.58
CA LEU B 109 -6.55 11.03 0.68
C LEU B 109 -6.63 10.21 -0.63
N ASN B 110 -5.47 9.85 -1.14
CA ASN B 110 -5.31 9.08 -2.32
C ASN B 110 -6.00 7.72 -2.16
N ASP B 111 -5.77 7.10 -0.99
CA ASP B 111 -6.38 5.80 -0.70
C ASP B 111 -7.91 5.91 -0.59
N GLN B 112 -8.39 6.98 0.04
CA GLN B 112 -9.82 7.30 0.12
C GLN B 112 -10.46 7.31 -1.26
N VAL B 113 -9.86 8.06 -2.16
CA VAL B 113 -10.35 8.20 -3.52
C VAL B 113 -10.36 6.86 -4.28
N THR B 114 -9.33 6.05 -4.10
CA THR B 114 -9.20 4.72 -4.70
C THR B 114 -10.25 3.76 -4.17
N LEU B 115 -10.46 3.81 -2.86
CA LEU B 115 -11.46 2.95 -2.22
C LEU B 115 -12.80 3.32 -2.84
N LEU B 116 -13.09 4.62 -2.93
CA LEU B 116 -14.40 5.06 -3.46
C LEU B 116 -14.52 4.66 -4.93
N LYS B 117 -13.46 4.94 -5.70
CA LYS B 117 -13.42 4.60 -7.13
C LYS B 117 -13.70 3.15 -7.38
N TYR B 118 -13.02 2.24 -6.71
CA TYR B 118 -13.26 0.87 -7.07
C TYR B 118 -14.44 0.15 -6.36
N GLY B 119 -14.97 0.78 -5.34
CA GLY B 119 -15.98 0.15 -4.53
C GLY B 119 -17.40 0.66 -4.72
N VAL B 120 -17.60 1.89 -5.18
CA VAL B 120 -18.96 2.49 -5.16
C VAL B 120 -19.95 1.67 -6.02
N HIS B 121 -19.51 1.18 -7.17
CA HIS B 121 -20.41 0.26 -7.94
C HIS B 121 -20.79 -1.06 -7.27
N GLU B 122 -19.87 -1.65 -6.54
CA GLU B 122 -20.21 -2.90 -5.81
C GLU B 122 -21.22 -2.55 -4.75
N ALA B 123 -21.07 -1.36 -4.10
CA ALA B 123 -22.07 -0.95 -3.09
C ALA B 123 -23.40 -0.57 -3.77
N ILE B 124 -23.31 0.08 -4.92
CA ILE B 124 -24.58 0.53 -5.60
C ILE B 124 -25.38 -0.73 -6.05
N PHE B 125 -24.69 -1.74 -6.57
CA PHE B 125 -25.41 -2.95 -6.99
C PHE B 125 -25.93 -3.79 -5.83
N ALA B 126 -25.23 -3.71 -4.69
CA ALA B 126 -25.68 -4.34 -3.43
C ALA B 126 -26.92 -3.67 -2.93
N MET B 127 -26.96 -2.32 -2.88
CA MET B 127 -28.10 -1.62 -2.37
C MET B 127 -29.30 -1.66 -3.35
N LEU B 128 -29.03 -1.81 -4.64
CA LEU B 128 -30.09 -1.90 -5.66
C LEU B 128 -31.11 -3.03 -5.31
N ALA B 129 -30.61 -4.16 -4.79
CA ALA B 129 -31.49 -5.24 -4.32
C ALA B 129 -32.58 -4.74 -3.42
N SER B 130 -32.37 -3.60 -2.72
CA SER B 130 -33.35 -3.07 -1.75
C SER B 130 -34.62 -2.53 -2.41
N ILE B 131 -34.51 -2.04 -3.65
CA ILE B 131 -35.60 -1.38 -4.34
C ILE B 131 -36.21 -2.23 -5.45
N VAL B 132 -35.76 -3.48 -5.49
CA VAL B 132 -36.04 -4.40 -6.62
C VAL B 132 -36.95 -5.55 -6.17
N ASN B 133 -37.84 -6.03 -7.04
CA ASN B 133 -38.33 -7.37 -6.86
C ASN B 133 -38.20 -8.17 -8.16
N LYS B 134 -38.75 -9.37 -8.25
CA LYS B 134 -38.62 -10.18 -9.48
C LYS B 134 -39.17 -9.48 -10.73
N ASP B 135 -40.09 -8.56 -10.54
CA ASP B 135 -40.80 -7.89 -11.63
C ASP B 135 -40.32 -6.49 -12.03
N GLY B 136 -39.45 -5.85 -11.24
CA GLY B 136 -38.97 -4.50 -11.54
C GLY B 136 -38.42 -3.70 -10.35
N LEU B 137 -38.30 -2.39 -10.53
CA LEU B 137 -37.70 -1.61 -9.47
C LEU B 137 -38.35 -0.29 -9.31
N LEU B 138 -38.27 0.20 -8.09
CA LEU B 138 -38.65 1.56 -7.73
C LEU B 138 -37.71 2.58 -8.28
N VAL B 139 -38.23 3.74 -8.70
CA VAL B 139 -37.38 4.74 -9.37
C VAL B 139 -36.98 6.17 -8.87
N ALA B 140 -37.94 7.04 -8.63
CA ALA B 140 -37.76 8.42 -8.37
C ALA B 140 -38.45 8.40 -7.09
N ASN B 141 -37.76 8.13 -6.00
CA ASN B 141 -38.40 7.77 -4.72
C ASN B 141 -39.36 6.61 -4.79
N GLY B 142 -40.30 6.56 -3.87
CA GLY B 142 -41.20 5.45 -3.97
C GLY B 142 -42.13 5.53 -5.18
N SER B 143 -42.03 6.59 -5.99
CA SER B 143 -43.17 6.98 -6.87
C SER B 143 -43.44 6.10 -8.10
N GLY B 144 -42.37 5.53 -8.66
CA GLY B 144 -42.49 4.78 -9.87
C GLY B 144 -42.00 3.37 -9.70
N PHE B 145 -42.53 2.47 -10.51
CA PHE B 145 -42.08 1.12 -10.62
C PHE B 145 -41.80 0.90 -12.11
N VAL B 146 -40.58 0.48 -12.47
CA VAL B 146 -40.21 0.17 -13.85
C VAL B 146 -40.09 -1.33 -13.91
N THR B 147 -40.83 -1.97 -14.84
CA THR B 147 -40.88 -3.41 -14.83
C THR B 147 -39.62 -3.86 -15.42
N ARG B 148 -39.20 -5.04 -14.99
CA ARG B 148 -38.03 -5.73 -15.56
C ARG B 148 -38.25 -6.06 -17.05
N GLU B 149 -39.46 -6.52 -17.35
CA GLU B 149 -39.97 -6.69 -18.71
C GLU B 149 -39.53 -5.63 -19.69
N PHE B 150 -40.00 -4.41 -19.44
CA PHE B 150 -39.71 -3.24 -20.20
C PHE B 150 -38.21 -2.97 -20.36
N LEU B 151 -37.45 -3.13 -19.28
CA LEU B 151 -36.03 -2.84 -19.32
C LEU B 151 -35.35 -3.83 -20.25
N ARG B 152 -35.83 -5.08 -20.24
CA ARG B 152 -35.40 -6.10 -21.20
C ARG B 152 -35.72 -5.79 -22.65
N SER B 153 -36.74 -4.95 -22.84
CA SER B 153 -37.24 -4.61 -24.16
C SER B 153 -36.42 -3.51 -24.82
N LEU B 154 -35.61 -2.82 -24.02
CA LEU B 154 -34.68 -1.81 -24.53
C LEU B 154 -33.77 -2.46 -25.56
N ARG B 155 -33.21 -1.70 -26.49
CA ARG B 155 -32.28 -2.33 -27.45
C ARG B 155 -30.89 -2.67 -26.86
N LYS B 156 -30.29 -3.73 -27.39
CA LYS B 156 -28.89 -4.05 -27.05
C LYS B 156 -27.95 -2.86 -27.37
N PRO B 157 -26.96 -2.60 -26.49
CA PRO B 157 -26.50 -3.30 -25.28
C PRO B 157 -27.10 -2.76 -23.97
N PHE B 158 -28.14 -1.93 -24.08
CA PHE B 158 -28.71 -1.27 -22.90
C PHE B 158 -29.46 -2.22 -22.00
N SER B 159 -30.04 -3.25 -22.60
CA SER B 159 -30.85 -4.21 -21.90
C SER B 159 -29.92 -5.19 -21.25
N ASP B 160 -28.77 -5.45 -21.90
CA ASP B 160 -27.82 -6.44 -21.37
C ASP B 160 -27.11 -5.88 -20.15
N ILE B 161 -26.85 -4.57 -20.16
CA ILE B 161 -26.28 -3.80 -19.07
C ILE B 161 -27.17 -3.90 -17.84
N ILE B 162 -28.47 -4.02 -18.08
CA ILE B 162 -29.44 -3.92 -17.01
C ILE B 162 -29.74 -5.26 -16.32
N GLU B 163 -30.20 -6.23 -17.11
CA GLU B 163 -30.65 -7.52 -16.59
C GLU B 163 -29.76 -8.31 -15.58
N PRO B 164 -28.43 -8.40 -15.81
CA PRO B 164 -27.63 -9.13 -14.80
C PRO B 164 -27.70 -8.55 -13.35
N LYS B 165 -27.94 -7.24 -13.20
CA LYS B 165 -28.18 -6.68 -11.82
C LYS B 165 -29.41 -7.24 -11.19
N PHE B 166 -30.48 -7.39 -12.00
CA PHE B 166 -31.68 -8.07 -11.51
C PHE B 166 -31.43 -9.49 -11.05
N GLU B 167 -30.70 -10.28 -11.83
CA GLU B 167 -30.43 -11.68 -11.46
C GLU B 167 -29.71 -11.74 -10.12
N PHE B 168 -28.69 -10.89 -9.95
CA PHE B 168 -27.98 -10.84 -8.68
C PHE B 168 -28.92 -10.41 -7.58
N ALA B 169 -29.71 -9.37 -7.82
CA ALA B 169 -30.52 -8.74 -6.77
C ALA B 169 -31.57 -9.70 -6.23
N VAL B 170 -32.11 -10.58 -7.09
CA VAL B 170 -33.16 -11.53 -6.62
C VAL B 170 -32.55 -12.54 -5.65
N LYS B 171 -31.43 -13.09 -6.02
CA LYS B 171 -30.73 -14.02 -5.13
C LYS B 171 -30.35 -13.32 -3.79
N PHE B 172 -29.76 -12.10 -3.86
CA PHE B 172 -29.35 -11.35 -2.66
C PHE B 172 -30.54 -11.17 -1.77
N ASN B 173 -31.66 -10.85 -2.35
CA ASN B 173 -32.82 -10.62 -1.55
C ASN B 173 -33.23 -11.94 -0.82
N ALA B 174 -32.78 -13.11 -1.30
CA ALA B 174 -33.24 -14.35 -0.60
C ALA B 174 -32.55 -14.52 0.79
N LEU B 175 -31.40 -13.86 0.96
CA LEU B 175 -30.78 -13.68 2.30
C LEU B 175 -31.59 -12.88 3.30
N GLU B 176 -32.54 -12.06 2.87
CA GLU B 176 -33.42 -11.33 3.75
C GLU B 176 -32.71 -10.44 4.76
N LEU B 177 -31.61 -9.80 4.37
CA LEU B 177 -31.03 -8.67 5.18
C LEU B 177 -31.99 -7.53 5.45
N ASP B 178 -31.81 -6.79 6.56
CA ASP B 178 -32.51 -5.54 6.78
C ASP B 178 -31.49 -4.35 6.66
N ASP B 179 -31.91 -3.15 6.87
CA ASP B 179 -30.99 -2.06 6.64
C ASP B 179 -29.75 -2.11 7.58
N SER B 180 -29.95 -2.61 8.80
CA SER B 180 -28.87 -2.55 9.81
C SER B 180 -27.77 -3.52 9.37
N ASP B 181 -28.16 -4.61 8.73
CA ASP B 181 -27.22 -5.53 8.18
C ASP B 181 -26.51 -4.89 6.98
N LEU B 182 -27.29 -4.17 6.16
CA LEU B 182 -26.72 -3.69 4.87
C LEU B 182 -25.72 -2.56 5.17
N ALA B 183 -25.99 -1.79 6.23
CA ALA B 183 -25.10 -0.68 6.55
C ALA B 183 -23.64 -1.24 6.74
N LEU B 184 -23.45 -2.33 7.48
CA LEU B 184 -22.12 -2.94 7.65
C LEU B 184 -21.58 -3.54 6.37
N PHE B 185 -22.48 -4.22 5.62
CA PHE B 185 -22.09 -4.86 4.37
C PHE B 185 -21.55 -3.84 3.37
N ILE B 186 -22.23 -2.69 3.27
CA ILE B 186 -21.70 -1.66 2.35
C ILE B 186 -20.37 -1.07 2.90
N ALA B 187 -20.29 -0.84 4.23
CA ALA B 187 -19.01 -0.38 4.79
C ALA B 187 -17.88 -1.40 4.45
N ALA B 188 -18.13 -2.72 4.59
CA ALA B 188 -17.14 -3.75 4.24
C ALA B 188 -16.63 -3.69 2.76
N ILE B 189 -17.57 -3.61 1.83
CA ILE B 189 -17.35 -3.42 0.45
C ILE B 189 -16.43 -2.22 0.19
N ILE B 190 -16.71 -1.08 0.81
CA ILE B 190 -15.88 0.12 0.51
C ILE B 190 -14.45 -0.09 1.04
N LEU B 191 -14.33 -0.86 2.12
CA LEU B 191 -13.01 -1.00 2.83
C LEU B 191 -12.18 -2.20 2.35
N CYS B 192 -12.17 -2.41 1.06
CA CYS B 192 -11.50 -3.56 0.48
C CYS B 192 -10.01 -3.29 0.28
N GLY B 193 -9.20 -4.12 0.93
CA GLY B 193 -7.76 -3.96 0.89
C GLY B 193 -7.15 -4.39 -0.44
N ASP B 194 -7.94 -5.03 -1.29
CA ASP B 194 -7.45 -5.56 -2.54
C ASP B 194 -7.43 -4.59 -3.73
N ARG B 195 -7.89 -3.35 -3.60
CA ARG B 195 -8.05 -2.43 -4.75
C ARG B 195 -6.73 -2.01 -5.44
N PRO B 196 -6.77 -1.72 -6.75
CA PRO B 196 -5.52 -1.30 -7.42
C PRO B 196 -4.97 0.07 -7.00
N GLY B 197 -3.67 0.12 -6.70
CA GLY B 197 -2.96 1.34 -6.34
C GLY B 197 -3.06 1.79 -4.88
N LEU B 198 -3.57 0.95 -3.97
CA LEU B 198 -3.67 1.36 -2.55
C LEU B 198 -2.26 1.51 -1.99
N MET B 199 -2.00 2.62 -1.26
CA MET B 199 -0.68 2.85 -0.62
C MET B 199 -0.57 2.04 0.69
N ASN B 200 -1.61 2.13 1.56
CA ASN B 200 -1.61 1.46 2.88
C ASN B 200 -2.62 0.32 3.05
N VAL B 201 -2.32 -0.80 2.39
CA VAL B 201 -3.15 -2.01 2.44
C VAL B 201 -3.43 -2.55 3.86
N PRO B 202 -2.38 -2.61 4.72
CA PRO B 202 -2.61 -3.31 6.02
C PRO B 202 -3.54 -2.46 6.86
N ARG B 203 -3.49 -1.15 6.65
CA ARG B 203 -4.34 -0.23 7.41
C ARG B 203 -5.81 -0.43 6.92
N VAL B 204 -6.02 -0.39 5.62
CA VAL B 204 -7.36 -0.64 5.09
C VAL B 204 -7.85 -2.00 5.49
N GLU B 205 -6.98 -3.02 5.36
CA GLU B 205 -7.42 -4.38 5.72
C GLU B 205 -7.90 -4.48 7.19
N ALA B 206 -7.22 -3.79 8.10
CA ALA B 206 -7.47 -3.79 9.57
C ALA B 206 -8.82 -3.08 9.87
N ILE B 207 -9.05 -1.99 9.16
CA ILE B 207 -10.40 -1.36 9.25
C ILE B 207 -11.50 -2.30 8.78
N GLN B 208 -11.36 -2.92 7.60
CA GLN B 208 -12.39 -3.86 7.12
C GLN B 208 -12.60 -5.01 8.09
N ASP B 209 -11.51 -5.46 8.70
CA ASP B 209 -11.57 -6.53 9.74
C ASP B 209 -12.48 -6.21 10.93
N THR B 210 -12.37 -5.01 11.48
CA THR B 210 -13.28 -4.55 12.52
C THR B 210 -14.71 -4.57 11.93
N ILE B 211 -14.86 -4.14 10.70
CA ILE B 211 -16.24 -4.09 10.08
C ILE B 211 -16.83 -5.48 9.98
N LEU B 212 -16.02 -6.40 9.47
CA LEU B 212 -16.44 -7.80 9.31
C LEU B 212 -16.67 -8.52 10.61
N ARG B 213 -15.86 -8.25 11.63
CA ARG B 213 -16.13 -8.73 12.97
C ARG B 213 -17.43 -8.15 13.51
N ALA B 214 -17.69 -6.84 13.33
CA ALA B 214 -18.98 -6.29 13.78
C ALA B 214 -20.11 -7.00 13.03
N LEU B 215 -19.90 -7.23 11.74
CA LEU B 215 -20.95 -7.86 10.89
C LEU B 215 -21.27 -9.27 11.35
N GLU B 216 -20.24 -10.10 11.60
CA GLU B 216 -20.48 -11.48 12.12
C GLU B 216 -21.30 -11.43 13.42
N PHE B 217 -20.86 -10.56 14.31
CA PHE B 217 -21.53 -10.35 15.56
C PHE B 217 -22.95 -9.88 15.36
N HIS B 218 -23.15 -8.93 14.42
CA HIS B 218 -24.45 -8.42 14.14
C HIS B 218 -25.38 -9.50 13.58
N LEU B 219 -24.91 -10.25 12.60
CA LEU B 219 -25.70 -11.35 12.02
C LEU B 219 -26.10 -12.41 13.02
N GLN B 220 -25.24 -12.71 14.00
CA GLN B 220 -25.60 -13.65 15.10
C GLN B 220 -26.79 -13.13 15.91
N ALA B 221 -26.74 -11.85 16.26
CA ALA B 221 -27.76 -11.20 17.03
C ALA B 221 -29.06 -10.90 16.26
N ASN B 222 -28.94 -10.42 15.03
CA ASN B 222 -30.08 -10.02 14.23
C ASN B 222 -30.73 -11.24 13.53
N HIS B 223 -29.95 -12.25 13.18
CA HIS B 223 -30.54 -13.45 12.52
C HIS B 223 -30.04 -14.72 13.26
N PRO B 224 -30.51 -14.92 14.50
CA PRO B 224 -30.01 -16.04 15.32
C PRO B 224 -30.25 -17.42 14.68
N ASP B 225 -31.38 -17.60 13.99
CA ASP B 225 -31.75 -18.89 13.44
C ASP B 225 -31.40 -19.10 11.96
N ALA B 226 -31.09 -18.01 11.24
CA ALA B 226 -30.44 -18.15 9.95
C ALA B 226 -29.09 -18.75 10.27
N GLN B 227 -28.59 -19.56 9.34
CA GLN B 227 -27.37 -20.32 9.54
C GLN B 227 -26.44 -20.12 8.35
N TYR B 228 -25.19 -19.81 8.64
CA TYR B 228 -24.20 -19.65 7.59
C TYR B 228 -24.28 -18.29 6.85
N LEU B 229 -25.07 -17.36 7.38
CA LEU B 229 -25.33 -16.10 6.68
C LEU B 229 -24.04 -15.31 6.48
N PHE B 230 -23.15 -15.36 7.48
CA PHE B 230 -21.88 -14.64 7.39
C PHE B 230 -21.00 -15.08 6.25
N PRO B 231 -20.69 -16.37 6.14
CA PRO B 231 -19.84 -16.67 4.96
C PRO B 231 -20.58 -16.56 3.61
N LYS B 232 -21.88 -16.66 3.62
CA LYS B 232 -22.63 -16.41 2.40
C LYS B 232 -22.50 -14.93 1.94
N LEU B 233 -22.47 -14.01 2.93
CA LEU B 233 -22.26 -12.56 2.65
C LEU B 233 -20.88 -12.34 2.07
N LEU B 234 -19.88 -13.01 2.64
CA LEU B 234 -18.51 -12.90 2.10
C LEU B 234 -18.49 -13.35 0.63
N GLN B 235 -19.19 -14.44 0.30
CA GLN B 235 -19.37 -14.82 -1.10
C GLN B 235 -20.11 -13.77 -1.97
N LYS B 236 -21.17 -13.17 -1.45
CA LYS B 236 -21.81 -12.06 -2.21
C LYS B 236 -20.83 -10.92 -2.56
N MET B 237 -19.85 -10.64 -1.70
CA MET B 237 -18.82 -9.65 -1.98
C MET B 237 -17.96 -10.05 -3.20
N ALA B 238 -17.48 -11.29 -3.22
CA ALA B 238 -16.84 -11.80 -4.45
C ALA B 238 -17.80 -11.86 -5.67
N ASP B 239 -19.08 -12.17 -5.49
CA ASP B 239 -20.01 -12.09 -6.66
C ASP B 239 -20.14 -10.67 -7.23
N LEU B 240 -20.17 -9.70 -6.33
CA LEU B 240 -20.28 -8.27 -6.71
C LEU B 240 -19.05 -7.79 -7.45
N ARG B 241 -17.88 -8.27 -7.01
CA ARG B 241 -16.66 -7.87 -7.62
C ARG B 241 -16.74 -8.31 -9.11
N GLN B 242 -17.24 -9.52 -9.33
CA GLN B 242 -17.39 -10.04 -10.70
C GLN B 242 -18.49 -9.33 -11.47
N LEU B 243 -19.55 -8.98 -10.77
CA LEU B 243 -20.64 -8.28 -11.45
C LEU B 243 -20.16 -6.93 -11.94
N VAL B 244 -19.35 -6.25 -11.13
CA VAL B 244 -18.82 -4.93 -11.54
C VAL B 244 -17.78 -5.01 -12.71
N THR B 245 -17.03 -6.10 -12.76
CA THR B 245 -16.04 -6.36 -13.79
C THR B 245 -16.79 -6.50 -15.11
N GLU B 246 -17.80 -7.37 -15.11
CA GLU B 246 -18.65 -7.50 -16.28
C GLU B 246 -19.35 -6.18 -16.63
N HIS B 247 -19.72 -5.40 -15.62
CA HIS B 247 -20.32 -4.07 -15.83
C HIS B 247 -19.38 -3.11 -16.50
N ALA B 248 -18.20 -2.88 -15.92
CA ALA B 248 -17.24 -1.97 -16.50
C ALA B 248 -16.95 -2.36 -17.96
N GLN B 249 -16.82 -3.66 -18.23
CA GLN B 249 -16.60 -4.18 -19.61
C GLN B 249 -17.71 -3.77 -20.56
N MET B 250 -18.95 -3.84 -20.09
CA MET B 250 -20.07 -3.39 -20.85
C MET B 250 -20.07 -1.90 -21.05
N MET B 251 -19.67 -1.16 -20.02
CA MET B 251 -19.60 0.26 -20.14
C MET B 251 -18.58 0.65 -21.24
N GLN B 252 -17.50 -0.08 -21.31
CA GLN B 252 -16.39 0.20 -22.25
C GLN B 252 -16.76 0.09 -23.76
N ARG B 253 -17.52 -0.94 -24.15
CA ARG B 253 -17.99 -1.07 -25.55
C ARG B 253 -19.07 -0.04 -25.88
N ILE B 254 -20.02 0.17 -24.96
CA ILE B 254 -20.92 1.31 -25.09
C ILE B 254 -20.13 2.60 -25.36
N LYS B 255 -18.99 2.78 -24.69
CA LYS B 255 -18.20 4.03 -24.88
C LYS B 255 -17.62 4.12 -26.31
N LYS B 256 -17.43 2.95 -26.92
CA LYS B 256 -16.84 2.85 -28.27
C LYS B 256 -17.92 2.81 -29.33
N THR B 257 -18.88 1.89 -29.15
CA THR B 257 -19.87 1.59 -30.17
C THR B 257 -21.10 2.50 -30.12
N GLU B 258 -21.31 3.18 -29.00
CA GLU B 258 -22.45 4.06 -28.89
C GLU B 258 -21.97 5.50 -28.77
N THR B 259 -21.10 5.85 -29.73
CA THR B 259 -20.42 7.14 -29.80
C THR B 259 -21.27 8.36 -29.45
N GLU B 260 -22.56 8.30 -29.78
CA GLU B 260 -23.48 9.42 -29.53
C GLU B 260 -23.73 9.69 -28.04
N THR B 261 -23.95 8.61 -27.28
CA THR B 261 -24.34 8.66 -25.86
C THR B 261 -23.25 9.19 -24.94
N SER B 262 -23.60 10.17 -24.12
CA SER B 262 -22.63 10.77 -23.21
C SER B 262 -22.65 10.11 -21.83
N LEU B 263 -21.55 10.33 -21.12
CA LEU B 263 -21.31 9.76 -19.82
C LEU B 263 -21.03 10.91 -18.87
N HIS B 264 -21.86 11.05 -17.84
CA HIS B 264 -21.58 12.03 -16.77
C HIS B 264 -20.09 11.89 -16.47
N PRO B 265 -19.36 13.02 -16.34
CA PRO B 265 -17.92 12.80 -16.28
C PRO B 265 -17.47 12.16 -14.94
N LEU B 266 -18.23 12.37 -13.86
CA LEU B 266 -17.98 11.68 -12.59
C LEU B 266 -17.79 10.19 -12.84
N LEU B 267 -18.59 9.64 -13.75
CA LEU B 267 -18.48 8.24 -14.12
C LEU B 267 -17.40 7.93 -15.14
N GLN B 268 -17.04 8.90 -15.97
CA GLN B 268 -15.85 8.72 -16.79
C GLN B 268 -14.64 8.52 -15.86
N GLU B 269 -14.41 9.45 -14.93
CA GLU B 269 -13.29 9.30 -13.98
C GLU B 269 -13.25 7.93 -13.28
N ILE B 270 -14.40 7.37 -12.90
CA ILE B 270 -14.42 6.02 -12.22
C ILE B 270 -13.96 4.95 -13.17
N TYR B 271 -14.44 5.06 -14.41
CA TYR B 271 -13.99 4.22 -15.53
C TYR B 271 -12.75 4.87 -16.21
C4 89L C . 33.33 -2.69 10.34
C5 89L C . 34.43 -3.19 11.07
C6 89L C . 34.20 -4.03 12.18
C7 89L C . 35.32 -4.57 12.97
C8 89L C . 36.68 -4.30 12.73
C10 89L C . 36.53 -5.54 14.55
C13 89L C . 31.85 -3.97 11.78
C15 89L C . 29.40 -2.13 8.22
C17 89L C . 32.37 -2.38 6.92
C20 89L C . 33.77 -0.79 5.13
C21 89L C . 33.33 -2.09 4.77
C22 89L C . 32.68 -2.89 5.68
C24 89L C . 32.56 -4.77 4.17
C26 89L C . 32.25 -7.16 4.01
C28 89L C . 31.50 -8.42 3.78
O1 89L C . 30.04 -2.02 10.79
C2 89L C . 30.86 -2.61 10.04
C3 89L C . 32.06 -3.10 10.70
C9 89L C . 37.39 -4.94 13.67
O11 89L C . 35.23 -5.30 14.13
C12 89L C . 32.91 -4.44 12.53
N14 89L C . 30.66 -2.72 8.74
C16 89L C . 31.61 -3.36 7.83
C18 89L C . 32.77 -1.08 7.28
C19 89L C . 33.46 -0.26 6.37
O23 89L C . 32.27 -4.20 5.41
C25 89L C . 31.69 -5.97 3.92
C27 89L C . 33.70 -7.30 4.36
C29 89L C . 30.03 -8.30 4.11
C30 89L C . 29.15 -8.14 2.91
O32 89L C . 27.92 -8.20 3.21
O31 89L C . 29.59 -7.90 1.75
C4 89L D . -32.98 2.12 -13.10
C5 89L D . -33.89 2.49 -14.08
C6 89L D . -34.40 3.80 -14.13
C7 89L D . -35.38 4.21 -15.20
C8 89L D . -35.87 3.41 -16.22
C10 89L D . -36.84 5.41 -16.42
C13 89L D . -33.06 4.33 -12.21
C15 89L D . -29.63 1.72 -10.01
C17 89L D . -29.86 0.24 -12.73
C20 89L D . -29.60 -2.41 -13.41
C21 89L D . -28.72 -1.50 -13.90
C22 89L D . -28.87 -0.16 -13.58
C24 89L D . -26.66 0.46 -14.22
C26 89L D . -25.77 2.21 -15.76
C28 89L D . -24.80 3.35 -16.10
O1 89L D . -31.89 2.89 -9.87
C2 89L D . -31.58 2.65 -11.02
C3 89L D . -32.53 3.04 -12.15
C9 89L D . -36.76 4.17 -16.97
O11 89L D . -35.98 5.45 -15.33
C12 89L D . -33.98 4.70 -13.18
N14 89L D . -30.49 2.05 -11.16
C16 89L D . -29.92 1.72 -12.44
C18 89L D . -30.74 -0.67 -12.19
C19 89L D . -30.60 -2.01 -12.54
O23 89L D . -28.02 0.79 -14.07
C25 89L D . -25.77 1.63 -14.55
C27 89L D . -26.68 1.75 -16.87
C29 89L D . -24.35 4.24 -14.94
C30 89L D . -23.17 3.72 -14.15
O32 89L D . -22.41 2.84 -14.63
O31 89L D . -23.00 4.18 -12.99
#